data_2V3I
#
_entry.id   2V3I
#
_cell.length_a   82.957
_cell.length_b   82.934
_cell.length_c   110.659
_cell.angle_alpha   90.00
_cell.angle_beta   90.00
_cell.angle_gamma   90.00
#
_symmetry.space_group_name_H-M   'I 2 2 2'
#
loop_
_entity.id
_entity.type
_entity.pdbx_description
1 polymer 'EXOGLUCANASE 1'
2 non-polymer 2-acetamido-2-deoxy-beta-D-glucopyranose
3 non-polymer 'COBALT (II) ION'
4 non-polymer GLYCEROL
5 non-polymer 2-{[(2R)-2-HYDROXY-3-(9-PHENANTHRYLOXY)PROPYL]AMINO}PROPANE-1,3-DIOL
6 water water
#
_entity_poly.entity_id   1
_entity_poly.type   'polypeptide(L)'
_entity_poly.pdbx_seq_one_letter_code
;(PCA)SACTLQSETHPPLTWQKCSSGGTCTQQTGSVVIDANWRWTHATNSSTNCYDGNTWSSTLCPDNETCAKNCCLDGA
AYASTYGVTTSGNSLSIGFVTQSAQKNVGARLYLMASDTTYQEFTLLGNEFSFDVDVSQLPCGLNGALYFVSMDADGGVS
KYPTNTAGAKYGTGYCDSQCPRDLKFINGQANVEGWEPSSNNANTGIGGHGSCCSEMDIWEANSISEALTPHPCTTVGQE
ICEGDGCGGTYSDNRYGGTCDPDGCDWNPYRLGNTSFYGPGSSFTLDTTKKLTVVTQFETSGAINRYYVQNGVTFQQPNA
ELGSYSGNELNDDYCTAEEAEFGGSSFSDKGGLTQFKKATSGGMVLVMSLWDDYYANMLWLDSTYPTNETSSTPGAVRGS
CSTSSGVPAQVESQSPNAKVTFSNIKFGPIGSTGNPSG
;
_entity_poly.pdbx_strand_id   A
#
loop_
_chem_comp.id
_chem_comp.type
_chem_comp.name
_chem_comp.formula
CO non-polymer 'COBALT (II) ION' 'Co 2'
GOL non-polymer GLYCEROL 'C3 H8 O3'
NAG D-saccharide, beta linking 2-acetamido-2-deoxy-beta-D-glucopyranose 'C8 H15 N O6'
XX6 non-polymer 2-{[(2R)-2-HYDROXY-3-(9-PHENANTHRYLOXY)PROPYL]AMINO}PROPANE-1,3-DIOL 'C20 H23 N O4'
#
# COMPACT_ATOMS: atom_id res chain seq x y z
N PCA A 1 -16.12 7.77 13.45
CA PCA A 1 -15.55 9.01 13.96
CB PCA A 1 -14.03 8.90 13.72
CG PCA A 1 -13.90 7.98 12.51
CD PCA A 1 -15.19 7.21 12.54
OE PCA A 1 -15.44 6.23 11.84
C PCA A 1 -16.12 10.22 13.20
O PCA A 1 -16.43 10.13 12.00
N SER A 2 -16.20 11.35 13.87
CA SER A 2 -16.46 12.63 13.20
C SER A 2 -15.11 13.31 12.88
N ALA A 3 -15.20 14.48 12.28
CA ALA A 3 -14.02 15.31 11.96
C ALA A 3 -14.03 16.57 12.81
N CYS A 4 -12.84 16.98 13.22
CA CYS A 4 -12.64 18.21 13.95
C CYS A 4 -11.68 19.07 13.15
N THR A 5 -11.56 20.33 13.53
CA THR A 5 -10.85 21.33 12.73
C THR A 5 -9.94 22.21 13.57
N LEU A 6 -9.38 21.67 14.64
CA LEU A 6 -8.32 22.39 15.37
C LEU A 6 -7.08 22.57 14.47
N GLN A 7 -6.96 21.68 13.50
N GLN A 7 -6.83 21.62 13.57
CA GLN A 7 -5.87 21.63 12.52
CA GLN A 7 -5.84 21.78 12.49
C GLN A 7 -6.56 21.58 11.13
C GLN A 7 -6.60 21.66 11.18
N SER A 8 -6.33 22.57 10.27
CA SER A 8 -6.99 22.56 8.97
C SER A 8 -6.48 21.36 8.14
N GLU A 9 -7.30 20.91 7.21
CA GLU A 9 -6.99 19.77 6.34
C GLU A 9 -6.94 20.28 4.89
N THR A 10 -5.74 20.35 4.35
CA THR A 10 -5.54 20.78 2.97
C THR A 10 -4.79 19.66 2.28
N HIS A 11 -5.47 18.95 1.38
CA HIS A 11 -4.82 17.81 0.71
C HIS A 11 -3.79 18.29 -0.31
N PRO A 12 -2.55 17.80 -0.24
CA PRO A 12 -1.60 18.23 -1.25
C PRO A 12 -2.07 17.86 -2.66
N PRO A 13 -2.30 18.78 -3.65
N PRO A 13 -1.77 18.83 -3.55
CA PRO A 13 -2.79 18.37 -5.00
CA PRO A 13 -1.99 18.62 -4.92
C PRO A 13 -1.85 17.38 -5.71
C PRO A 13 -1.01 17.67 -5.58
N LEU A 14 -2.41 16.59 -6.61
N LEU A 14 -1.53 16.95 -6.56
CA LEU A 14 -1.59 15.67 -7.42
CA LEU A 14 -0.71 16.01 -7.33
C LEU A 14 -2.30 15.44 -8.74
C LEU A 14 -1.35 15.86 -8.69
N THR A 15 -1.60 15.65 -9.85
N THR A 15 -0.59 16.13 -9.76
CA THR A 15 -2.18 15.42 -11.15
CA THR A 15 -1.07 15.91 -11.12
C THR A 15 -1.75 14.06 -11.67
C THR A 15 -0.75 14.51 -11.59
N TRP A 16 -2.54 13.54 -12.61
N TRP A 16 -1.56 14.02 -12.52
CA TRP A 16 -2.23 12.28 -13.30
CA TRP A 16 -1.36 12.72 -13.16
C TRP A 16 -2.88 12.36 -14.67
C TRP A 16 -1.98 12.80 -14.56
N GLN A 17 -2.49 11.46 -15.56
N GLN A 17 -1.69 11.80 -15.39
CA GLN A 17 -2.99 11.49 -16.93
CA GLN A 17 -2.18 11.79 -16.76
C GLN A 17 -3.94 10.32 -17.18
C GLN A 17 -3.15 10.67 -17.00
N LYS A 18 -5.06 10.61 -17.83
N LYS A 18 -4.23 11.01 -17.67
CA LYS A 18 -5.98 9.59 -18.32
CA LYS A 18 -5.20 10.05 -18.17
C LYS A 18 -5.79 9.50 -19.82
C LYS A 18 -5.03 9.92 -19.69
N CYS A 19 -5.46 8.31 -20.29
N CYS A 19 -4.79 8.69 -20.17
CA CYS A 19 -5.11 8.13 -21.66
CA CYS A 19 -4.53 8.42 -21.61
C CYS A 19 -6.22 7.41 -22.36
C CYS A 19 -5.70 7.67 -22.30
N SER A 20 -6.34 7.70 -23.64
N SER A 20 -5.80 7.82 -23.64
CA SER A 20 -7.36 7.05 -24.41
CA SER A 20 -6.94 7.29 -24.47
C SER A 20 -6.67 6.29 -25.49
C SER A 20 -6.52 6.26 -25.54
N SER A 21 -7.40 5.32 -25.96
CA SER A 21 -6.97 4.44 -27.02
C SER A 21 -6.59 5.14 -28.30
N GLY A 22 -7.16 6.33 -28.54
CA GLY A 22 -6.90 7.10 -29.72
C GLY A 22 -5.58 7.83 -29.73
N GLY A 23 -4.83 7.71 -28.64
CA GLY A 23 -3.44 8.10 -28.72
C GLY A 23 -3.05 9.37 -27.98
N THR A 24 -4.03 10.00 -27.31
CA THR A 24 -3.76 11.23 -26.55
C THR A 24 -4.00 10.99 -25.07
N CYS A 25 -3.63 11.92 -24.26
N CYS A 25 -3.20 11.75 -24.29
CA CYS A 25 -3.87 11.76 -22.87
CA CYS A 25 -3.17 11.85 -22.79
C CYS A 25 -4.35 13.12 -22.41
C CYS A 25 -3.42 13.31 -22.33
N THR A 26 -5.07 13.13 -21.32
N THR A 26 -4.11 13.44 -21.19
CA THR A 26 -5.60 14.37 -20.77
CA THR A 26 -4.49 14.74 -20.65
C THR A 26 -5.30 14.42 -19.27
C THR A 26 -4.21 14.82 -19.14
N GLN A 27 -4.79 15.56 -18.79
N GLN A 27 -3.68 15.96 -18.72
CA GLN A 27 -4.48 15.71 -17.39
CA GLN A 27 -3.36 16.19 -17.32
C GLN A 27 -5.74 15.75 -16.53
C GLN A 27 -4.62 16.29 -16.46
N GLN A 28 -5.65 15.03 -15.40
N GLN A 28 -4.58 15.58 -15.33
CA GLN A 28 -6.66 15.00 -14.36
CA GLN A 28 -5.65 15.57 -14.33
C GLN A 28 -6.08 15.64 -13.10
C GLN A 28 -5.04 16.21 -13.08
N THR A 29 -6.92 16.34 -12.35
N THR A 29 -5.87 16.94 -12.35
CA THR A 29 -6.46 16.94 -11.12
CA THR A 29 -5.43 17.50 -11.10
C THR A 29 -7.11 16.24 -9.94
C THR A 29 -6.09 16.76 -9.93
N GLY A 30 -6.29 15.63 -9.10
N GLY A 30 -5.26 16.06 -9.16
CA GLY A 30 -6.71 15.02 -7.84
CA GLY A 30 -5.71 15.26 -8.02
C GLY A 30 -5.90 15.64 -6.69
C GLY A 30 -5.18 15.77 -6.71
N SER A 31 -5.49 14.95 -5.65
CA SER A 31 -4.84 15.33 -4.41
C SER A 31 -4.59 14.05 -3.64
N VAL A 32 -3.81 14.15 -2.57
CA VAL A 32 -3.61 12.98 -1.69
C VAL A 32 -4.09 13.32 -0.28
N VAL A 33 -4.52 12.25 0.41
CA VAL A 33 -4.97 12.36 1.80
C VAL A 33 -4.29 11.29 2.64
N ILE A 34 -3.92 11.64 3.87
CA ILE A 34 -3.30 10.68 4.78
C ILE A 34 -4.39 9.86 5.50
N ASP A 35 -4.04 8.58 5.66
CA ASP A 35 -4.89 7.61 6.36
C ASP A 35 -5.13 8.08 7.79
N ALA A 36 -6.36 7.80 8.25
CA ALA A 36 -6.84 8.22 9.56
C ALA A 36 -5.96 7.74 10.71
N ASN A 37 -5.32 6.58 10.58
CA ASN A 37 -4.50 6.09 11.69
C ASN A 37 -3.34 7.01 12.07
N TRP A 38 -2.86 7.82 11.11
CA TRP A 38 -1.74 8.71 11.39
C TRP A 38 -2.18 9.99 12.06
N ARG A 39 -3.48 10.23 12.13
CA ARG A 39 -4.02 11.50 12.64
C ARG A 39 -4.11 11.51 14.16
N TRP A 40 -4.29 12.71 14.70
CA TRP A 40 -4.67 12.91 16.09
C TRP A 40 -6.17 12.62 16.24
N THR A 41 -6.49 11.77 17.22
CA THR A 41 -7.86 11.40 17.55
C THR A 41 -8.16 11.99 18.93
N HIS A 42 -9.12 12.92 19.02
CA HIS A 42 -9.41 13.57 20.29
C HIS A 42 -10.89 13.77 20.50
N ALA A 43 -11.23 14.23 21.70
CA ALA A 43 -12.62 14.43 22.05
C ALA A 43 -13.26 15.46 21.12
N THR A 44 -14.55 15.30 20.84
CA THR A 44 -15.16 16.26 19.89
C THR A 44 -15.17 17.69 20.42
N ASN A 45 -15.20 17.86 21.74
CA ASN A 45 -15.36 19.19 22.32
C ASN A 45 -14.13 19.71 23.07
N SER A 46 -12.98 19.05 22.94
CA SER A 46 -11.78 19.51 23.64
C SER A 46 -10.55 18.91 22.98
N SER A 47 -9.37 19.22 23.50
N SER A 47 -9.36 19.21 23.49
CA SER A 47 -8.13 18.64 22.98
CA SER A 47 -8.15 18.63 22.95
C SER A 47 -7.74 17.34 23.66
C SER A 47 -7.71 17.38 23.71
N THR A 48 -8.57 16.82 24.56
CA THR A 48 -8.22 15.58 25.26
C THR A 48 -8.07 14.40 24.28
N ASN A 49 -7.00 13.64 24.41
CA ASN A 49 -6.75 12.55 23.46
C ASN A 49 -7.73 11.39 23.67
N CYS A 50 -8.28 10.85 22.57
CA CYS A 50 -8.97 9.57 22.67
C CYS A 50 -8.01 8.42 22.60
N TYR A 51 -6.91 8.61 21.86
CA TYR A 51 -5.86 7.60 21.70
C TYR A 51 -4.58 8.34 21.94
N ASP A 52 -3.69 7.74 22.71
CA ASP A 52 -2.44 8.40 23.10
C ASP A 52 -1.39 7.34 23.25
N GLY A 53 -0.25 7.48 22.58
CA GLY A 53 0.77 6.44 22.62
C GLY A 53 0.23 5.21 21.94
N ASN A 54 0.00 4.13 22.68
CA ASN A 54 -0.57 2.91 22.10
C ASN A 54 -1.77 2.44 22.89
N THR A 55 -2.38 3.34 23.66
N THR A 55 -2.48 3.35 23.51
CA THR A 55 -3.55 3.06 24.49
CA THR A 55 -3.66 2.95 24.23
C THR A 55 -4.73 3.98 24.10
C THR A 55 -4.74 4.04 24.22
N TRP A 56 -5.94 3.58 24.49
CA TRP A 56 -7.12 4.41 24.37
C TRP A 56 -7.53 4.98 25.71
N SER A 57 -8.19 6.12 25.69
CA SER A 57 -8.84 6.71 26.85
C SER A 57 -9.96 5.77 27.32
N SER A 58 -9.86 5.28 28.56
CA SER A 58 -10.87 4.34 29.04
C SER A 58 -12.18 5.03 29.34
N THR A 59 -12.15 6.36 29.54
CA THR A 59 -13.38 7.06 29.82
C THR A 59 -14.05 7.55 28.53
N LEU A 60 -13.29 8.09 27.57
CA LEU A 60 -13.88 8.48 26.29
C LEU A 60 -14.30 7.29 25.46
N CYS A 61 -13.55 6.19 25.60
CA CYS A 61 -13.66 5.05 24.72
C CYS A 61 -13.87 3.73 25.49
N PRO A 62 -15.00 3.63 26.22
CA PRO A 62 -15.27 2.43 26.99
C PRO A 62 -15.72 1.24 26.13
N ASP A 63 -16.17 1.53 24.90
CA ASP A 63 -16.60 0.52 23.95
C ASP A 63 -16.52 1.18 22.56
N ASN A 64 -16.66 0.37 21.53
CA ASN A 64 -16.37 0.85 20.17
C ASN A 64 -17.34 1.93 19.72
N GLU A 65 -18.63 1.82 20.09
CA GLU A 65 -19.65 2.76 19.61
C GLU A 65 -19.52 4.07 20.37
N THR A 66 -19.38 3.99 21.69
CA THR A 66 -19.26 5.20 22.50
C THR A 66 -18.02 6.01 22.07
N CYS A 67 -16.91 5.33 21.84
CA CYS A 67 -15.69 5.99 21.43
C CYS A 67 -15.91 6.76 20.14
N ALA A 68 -16.52 6.14 19.13
CA ALA A 68 -16.75 6.85 17.87
C ALA A 68 -17.66 8.05 18.06
N LYS A 69 -18.65 7.98 18.97
CA LYS A 69 -19.50 9.13 19.22
C LYS A 69 -18.74 10.25 19.91
N ASN A 70 -17.80 9.88 20.77
CA ASN A 70 -17.09 10.88 21.57
C ASN A 70 -15.88 11.49 20.89
N CYS A 71 -15.42 10.90 19.77
CA CYS A 71 -14.09 11.19 19.25
C CYS A 71 -14.12 11.63 17.80
N CYS A 72 -13.11 12.41 17.43
CA CYS A 72 -12.96 12.90 16.08
C CYS A 72 -11.52 12.80 15.64
N LEU A 73 -11.38 12.79 14.31
CA LEU A 73 -10.09 12.89 13.64
C LEU A 73 -9.82 14.33 13.27
N ASP A 74 -8.60 14.81 13.39
CA ASP A 74 -8.29 16.17 13.05
C ASP A 74 -7.42 16.25 11.81
N GLY A 75 -7.15 17.48 11.38
CA GLY A 75 -6.36 17.71 10.18
C GLY A 75 -4.90 17.40 10.33
N ALA A 76 -4.22 17.32 9.19
CA ALA A 76 -2.81 16.94 9.11
C ALA A 76 -1.97 18.05 8.52
N ALA A 77 -0.80 18.30 9.13
CA ALA A 77 0.20 19.22 8.58
C ALA A 77 1.11 18.32 7.71
N TYR A 78 0.82 18.23 6.41
CA TYR A 78 1.43 17.19 5.59
C TYR A 78 2.94 17.24 5.55
N ALA A 79 3.52 18.43 5.29
CA ALA A 79 4.97 18.47 5.21
C ALA A 79 5.60 18.45 6.60
N SER A 80 5.17 19.31 7.53
N SER A 80 5.08 19.29 7.49
CA SER A 80 5.90 19.44 8.79
CA SER A 80 5.71 19.53 8.76
C SER A 80 5.69 18.30 9.79
C SER A 80 5.67 18.31 9.69
N THR A 81 4.52 17.67 9.78
CA THR A 81 4.34 16.54 10.67
C THR A 81 4.68 15.21 9.97
N TYR A 82 4.29 15.09 8.71
CA TYR A 82 4.30 13.74 8.06
C TYR A 82 5.34 13.61 6.96
N GLY A 83 6.07 14.66 6.61
CA GLY A 83 7.09 14.48 5.57
C GLY A 83 6.53 14.19 4.19
N VAL A 84 5.32 14.67 3.92
CA VAL A 84 4.65 14.41 2.65
C VAL A 84 4.61 15.73 1.88
N THR A 85 4.94 15.71 0.58
N THR A 85 5.38 15.72 0.81
CA THR A 85 4.81 16.91 -0.31
CA THR A 85 5.49 16.88 -0.04
C THR A 85 4.42 16.46 -1.71
C THR A 85 5.12 16.49 -1.44
N THR A 86 3.81 17.37 -2.48
N THR A 86 4.57 17.44 -2.17
CA THR A 86 3.57 17.12 -3.89
CA THR A 86 4.35 17.24 -3.57
C THR A 86 3.99 18.35 -4.71
C THR A 86 4.82 18.46 -4.33
N SER A 87 4.24 18.08 -5.98
N SER A 87 5.16 18.27 -5.58
CA SER A 87 4.52 19.11 -6.95
CA SER A 87 5.36 19.40 -6.47
C SER A 87 4.07 18.59 -8.28
C SER A 87 5.02 18.89 -7.87
N GLY A 88 2.97 19.15 -8.80
N GLY A 88 3.97 19.44 -8.47
CA GLY A 88 2.50 18.72 -10.11
CA GLY A 88 3.53 19.02 -9.80
C GLY A 88 2.06 17.30 -10.11
C GLY A 88 3.07 17.58 -9.82
N ASN A 89 2.73 16.48 -10.89
N ASN A 89 3.75 16.77 -10.62
CA ASN A 89 2.45 15.04 -10.95
CA ASN A 89 3.45 15.33 -10.77
C ASN A 89 3.29 14.18 -10.02
C ASN A 89 4.26 14.42 -9.82
N SER A 90 4.04 14.82 -9.11
N SER A 90 4.96 15.05 -8.88
CA SER A 90 4.97 14.11 -8.22
CA SER A 90 5.87 14.30 -8.00
C SER A 90 4.57 14.18 -6.76
C SER A 90 5.43 14.32 -6.53
N LEU A 91 4.71 13.03 -6.08
N LEU A 91 5.53 13.16 -5.88
CA LEU A 91 4.45 12.87 -4.67
CA LEU A 91 5.18 12.98 -4.47
C LEU A 91 5.73 12.33 -3.99
C LEU A 91 6.37 12.38 -3.80
N SER A 92 6.18 13.01 -2.93
N SER A 92 6.80 13.01 -2.71
CA SER A 92 7.30 12.51 -2.12
CA SER A 92 7.84 12.48 -1.87
C SER A 92 6.89 12.15 -0.67
C SER A 92 7.24 12.26 -0.52
N ILE A 93 7.49 11.06 -0.09
CA ILE A 93 7.18 10.65 1.30
C ILE A 93 8.50 10.39 2.01
N GLY A 94 8.75 11.18 3.08
CA GLY A 94 9.91 10.96 3.91
C GLY A 94 9.68 9.87 4.94
N PHE A 95 10.75 9.33 5.47
CA PHE A 95 10.64 8.19 6.40
C PHE A 95 10.41 8.64 7.83
N VAL A 96 11.38 9.28 8.49
CA VAL A 96 11.18 9.80 9.85
C VAL A 96 11.10 11.33 9.74
N THR A 97 10.05 11.89 10.31
CA THR A 97 9.87 13.34 10.37
C THR A 97 9.76 13.76 11.80
N GLN A 98 10.64 14.67 12.23
CA GLN A 98 10.67 15.19 13.60
C GLN A 98 9.98 16.55 13.62
N SER A 99 8.91 16.61 14.39
CA SER A 99 8.26 17.90 14.66
C SER A 99 8.16 18.00 16.18
N ALA A 100 7.00 18.34 16.73
CA ALA A 100 6.85 18.22 18.19
C ALA A 100 6.99 16.76 18.63
N GLN A 101 6.71 15.84 17.72
CA GLN A 101 6.90 14.42 17.98
C GLN A 101 7.55 13.78 16.76
N LYS A 102 7.91 12.52 16.91
CA LYS A 102 8.45 11.75 15.81
C LYS A 102 7.32 11.05 15.05
N ASN A 103 7.31 11.16 13.73
CA ASN A 103 6.42 10.41 12.86
C ASN A 103 7.22 9.47 11.99
N VAL A 104 6.67 8.27 11.76
CA VAL A 104 7.29 7.33 10.84
C VAL A 104 6.33 7.00 9.68
N GLY A 105 6.76 7.35 8.48
CA GLY A 105 6.06 6.97 7.29
C GLY A 105 4.71 7.63 7.11
N ALA A 106 3.99 7.08 6.14
CA ALA A 106 2.64 7.58 5.81
C ALA A 106 2.01 6.56 4.88
N ARG A 107 0.67 6.55 4.88
CA ARG A 107 -0.15 5.82 3.90
C ARG A 107 -1.13 6.85 3.36
N LEU A 108 -1.12 7.02 2.03
CA LEU A 108 -1.85 8.10 1.35
C LEU A 108 -2.76 7.52 0.29
N TYR A 109 -3.90 8.19 0.06
CA TYR A 109 -4.82 7.78 -0.98
C TYR A 109 -5.00 8.89 -1.98
N LEU A 110 -5.16 8.55 -3.27
CA LEU A 110 -5.47 9.57 -4.31
C LEU A 110 -6.95 9.89 -4.28
N MET A 111 -7.27 11.17 -4.20
N MET A 111 -7.18 11.21 -4.28
CA MET A 111 -8.67 11.58 -4.21
CA MET A 111 -8.51 11.86 -4.17
C MET A 111 -9.09 12.03 -5.59
C MET A 111 -9.06 12.30 -5.53
N ALA A 112 -10.39 12.09 -5.73
CA ALA A 112 -11.11 12.66 -6.90
C ALA A 112 -11.61 14.08 -6.57
N SER A 113 -11.99 14.33 -5.32
CA SER A 113 -12.47 15.64 -4.89
C SER A 113 -11.99 15.71 -3.44
N ASP A 114 -12.21 16.80 -2.73
N ASP A 114 -12.26 16.85 -2.80
CA ASP A 114 -11.72 16.82 -1.36
CA ASP A 114 -11.88 17.09 -1.40
C ASP A 114 -12.46 15.89 -0.45
C ASP A 114 -12.52 16.06 -0.48
N THR A 115 -13.57 15.33 -0.93
CA THR A 115 -14.34 14.45 -0.06
C THR A 115 -14.54 13.04 -0.58
N THR A 116 -13.86 12.66 -1.70
CA THR A 116 -14.06 11.31 -2.29
C THR A 116 -12.76 10.78 -2.85
N TYR A 117 -12.56 9.46 -2.75
CA TYR A 117 -11.38 8.86 -3.34
C TYR A 117 -11.60 8.69 -4.87
N GLN A 118 -10.49 8.71 -5.59
CA GLN A 118 -10.52 8.34 -7.01
C GLN A 118 -10.61 6.81 -7.14
N GLU A 119 -11.46 6.31 -8.02
CA GLU A 119 -11.52 4.87 -8.24
C GLU A 119 -10.99 4.62 -9.63
N PHE A 120 -10.26 3.54 -9.75
CA PHE A 120 -9.70 3.03 -11.02
C PHE A 120 -10.21 1.65 -11.28
N THR A 121 -10.66 1.40 -12.51
CA THR A 121 -11.00 0.02 -12.95
C THR A 121 -9.79 -0.49 -13.70
N LEU A 122 -9.07 -1.44 -13.12
CA LEU A 122 -7.82 -1.86 -13.70
C LEU A 122 -8.00 -2.77 -14.89
N LEU A 123 -9.02 -3.61 -14.88
CA LEU A 123 -9.14 -4.63 -15.93
C LEU A 123 -9.27 -3.99 -17.32
N GLY A 124 -8.43 -4.46 -18.24
CA GLY A 124 -8.34 -3.92 -19.58
C GLY A 124 -7.44 -2.71 -19.73
N ASN A 125 -6.94 -2.21 -18.62
CA ASN A 125 -6.18 -0.98 -18.58
C ASN A 125 -4.75 -1.25 -18.10
N GLU A 126 -3.95 -0.20 -18.18
CA GLU A 126 -2.58 -0.25 -17.69
C GLU A 126 -2.34 0.99 -16.86
N PHE A 127 -1.44 0.82 -15.91
CA PHE A 127 -1.03 1.87 -14.96
C PHE A 127 0.45 2.03 -15.08
N SER A 128 0.92 3.25 -15.29
CA SER A 128 2.34 3.57 -15.42
C SER A 128 2.68 4.59 -14.37
N PHE A 129 3.89 4.46 -13.82
CA PHE A 129 4.43 5.51 -12.93
C PHE A 129 5.91 5.47 -12.99
N ASP A 130 6.52 6.58 -12.54
CA ASP A 130 7.94 6.68 -12.34
C ASP A 130 8.22 6.64 -10.85
N VAL A 131 9.34 6.06 -10.49
CA VAL A 131 9.72 5.97 -9.07
C VAL A 131 11.21 6.17 -8.92
N ASP A 132 11.57 6.83 -7.81
CA ASP A 132 12.93 6.92 -7.37
C ASP A 132 13.02 6.21 -6.03
N VAL A 133 13.65 5.03 -6.03
CA VAL A 133 13.85 4.22 -4.84
C VAL A 133 15.28 4.35 -4.30
N SER A 134 16.07 5.27 -4.83
CA SER A 134 17.51 5.29 -4.51
C SER A 134 17.73 5.50 -3.02
N GLN A 135 16.84 6.18 -2.30
CA GLN A 135 17.04 6.49 -0.89
C GLN A 135 16.30 5.52 0.02
N LEU A 136 15.99 4.31 -0.50
CA LEU A 136 15.31 3.27 0.29
C LEU A 136 16.26 2.10 0.55
N PRO A 137 16.78 1.93 1.77
CA PRO A 137 17.67 0.82 2.09
C PRO A 137 16.85 -0.43 2.41
N CYS A 138 17.57 -1.53 2.68
CA CYS A 138 16.97 -2.73 3.23
C CYS A 138 16.01 -2.36 4.37
N GLY A 139 14.89 -3.09 4.44
CA GLY A 139 13.98 -2.95 5.55
C GLY A 139 12.88 -1.94 5.33
N LEU A 140 12.94 -1.12 4.27
N LEU A 140 12.95 -1.15 4.25
CA LEU A 140 11.86 -0.16 4.02
CA LEU A 140 11.90 -0.19 3.95
C LEU A 140 11.10 -0.60 2.76
C LEU A 140 11.06 -0.70 2.78
N ASN A 141 9.84 -0.18 2.67
CA ASN A 141 8.95 -0.51 1.57
C ASN A 141 8.27 0.77 1.14
N GLY A 142 8.63 1.25 -0.07
CA GLY A 142 7.87 2.31 -0.74
C GLY A 142 6.87 1.58 -1.62
N ALA A 143 5.60 1.66 -1.26
CA ALA A 143 4.58 0.82 -1.89
C ALA A 143 3.62 1.68 -2.68
N LEU A 144 3.22 1.17 -3.82
CA LEU A 144 2.16 1.74 -4.66
C LEU A 144 1.24 0.58 -4.97
N TYR A 145 -0.02 0.69 -4.60
CA TYR A 145 -0.90 -0.45 -4.67
C TYR A 145 -2.34 0.02 -4.72
N PHE A 146 -3.26 -0.92 -4.99
CA PHE A 146 -4.69 -0.63 -5.05
C PHE A 146 -5.42 -1.51 -4.06
N VAL A 147 -6.49 -0.97 -3.49
CA VAL A 147 -7.37 -1.77 -2.62
C VAL A 147 -8.83 -1.46 -2.94
N SER A 148 -9.68 -2.44 -2.70
CA SER A 148 -11.13 -2.27 -2.97
C SER A 148 -11.86 -1.53 -1.84
N MET A 149 -11.49 -0.27 -1.62
CA MET A 149 -12.12 0.65 -0.67
C MET A 149 -13.33 1.35 -1.29
N ASP A 150 -14.25 1.77 -0.43
CA ASP A 150 -15.40 2.60 -0.85
C ASP A 150 -14.95 4.02 -1.18
N ALA A 151 -15.56 4.65 -2.20
CA ALA A 151 -15.12 5.97 -2.62
C ALA A 151 -15.34 7.03 -1.53
N ASP A 152 -16.35 6.84 -0.67
CA ASP A 152 -16.65 7.77 0.41
C ASP A 152 -15.92 7.42 1.70
N GLY A 153 -15.05 6.42 1.70
CA GLY A 153 -14.41 6.05 2.97
C GLY A 153 -15.32 5.37 3.97
N GLY A 154 -16.50 4.93 3.55
CA GLY A 154 -17.41 4.15 4.39
C GLY A 154 -18.64 4.91 4.92
N VAL A 155 -18.72 6.21 4.62
CA VAL A 155 -19.76 7.04 5.24
C VAL A 155 -21.16 6.54 4.94
N SER A 156 -21.44 6.14 3.69
CA SER A 156 -22.82 5.75 3.35
C SER A 156 -23.28 4.48 4.08
N LYS A 157 -22.33 3.61 4.36
CA LYS A 157 -22.64 2.35 5.04
C LYS A 157 -22.67 2.47 6.57
N TYR A 158 -21.87 3.41 7.09
N TYR A 158 -21.89 3.38 7.13
CA TYR A 158 -21.55 3.54 8.52
CA TYR A 158 -21.72 3.41 8.56
C TYR A 158 -21.81 4.97 8.95
C TYR A 158 -21.83 4.84 9.01
N PRO A 159 -23.07 5.30 9.24
CA PRO A 159 -23.45 6.67 9.65
C PRO A 159 -22.66 7.36 10.72
N THR A 160 -22.11 6.58 11.63
CA THR A 160 -21.28 7.12 12.71
C THR A 160 -19.83 7.50 12.27
N ASN A 161 -19.53 7.21 11.00
CA ASN A 161 -18.35 7.78 10.35
C ASN A 161 -18.87 8.99 9.55
N THR A 162 -18.60 10.19 10.05
CA THR A 162 -18.92 11.40 9.29
C THR A 162 -17.66 12.10 8.78
N ALA A 163 -16.47 11.59 9.13
CA ALA A 163 -15.21 12.14 8.66
C ALA A 163 -14.94 11.77 7.21
N GLY A 164 -15.09 10.48 6.87
CA GLY A 164 -15.00 10.07 5.46
C GLY A 164 -13.62 10.13 4.84
N ALA A 165 -13.65 10.03 3.51
CA ALA A 165 -12.46 10.04 2.68
C ALA A 165 -11.65 11.32 2.91
N LYS A 166 -12.32 12.45 3.20
CA LYS A 166 -11.58 13.67 3.45
C LYS A 166 -10.52 13.51 4.56
N TYR A 167 -10.79 12.61 5.50
CA TYR A 167 -9.87 12.32 6.61
C TYR A 167 -9.29 10.91 6.51
N GLY A 168 -9.32 10.28 5.33
CA GLY A 168 -8.61 9.03 5.15
C GLY A 168 -9.22 7.86 5.88
N THR A 169 -10.54 7.80 6.03
CA THR A 169 -11.17 6.63 6.62
C THR A 169 -11.38 5.51 5.62
N GLY A 170 -11.73 4.35 6.13
CA GLY A 170 -12.24 3.28 5.31
C GLY A 170 -11.21 2.29 4.79
N TYR A 171 -9.96 2.35 5.25
CA TYR A 171 -8.94 1.45 4.72
C TYR A 171 -9.30 -0.01 4.95
N CYS A 172 -8.83 -0.83 4.03
CA CYS A 172 -8.85 -2.30 4.11
C CYS A 172 -7.73 -2.78 3.23
N ASP A 173 -7.25 -4.00 3.51
CA ASP A 173 -6.34 -4.64 2.57
C ASP A 173 -6.35 -6.15 2.82
N SER A 174 -5.47 -6.87 2.12
CA SER A 174 -5.49 -8.35 2.17
C SER A 174 -4.94 -8.91 3.45
N GLN A 175 -4.35 -8.08 4.30
CA GLN A 175 -3.91 -8.51 5.64
C GLN A 175 -5.05 -8.44 6.66
N CYS A 176 -6.23 -7.95 6.26
CA CYS A 176 -7.36 -7.76 7.18
C CYS A 176 -6.87 -7.02 8.43
N PRO A 177 -6.24 -5.83 8.22
CA PRO A 177 -5.54 -5.15 9.30
C PRO A 177 -6.43 -4.91 10.52
N ARG A 178 -5.87 -5.28 11.68
CA ARG A 178 -6.49 -5.10 12.99
C ARG A 178 -5.82 -3.95 13.75
N ASP A 179 -4.83 -3.27 13.14
CA ASP A 179 -4.17 -2.13 13.76
C ASP A 179 -4.94 -0.83 13.55
N LEU A 180 -6.00 -0.88 12.74
CA LEU A 180 -6.80 0.33 12.47
C LEU A 180 -7.54 0.72 13.73
N LYS A 181 -7.60 2.01 13.96
CA LYS A 181 -8.26 2.55 15.13
C LYS A 181 -9.78 2.69 14.93
N PHE A 182 -10.23 2.89 13.69
CA PHE A 182 -11.66 2.96 13.35
C PHE A 182 -11.91 2.03 12.21
N ILE A 183 -12.95 1.22 12.33
CA ILE A 183 -13.45 0.33 11.30
C ILE A 183 -14.97 0.36 11.33
N ASN A 184 -15.61 0.52 10.17
CA ASN A 184 -17.08 0.49 10.09
C ASN A 184 -17.72 1.56 10.99
N GLY A 185 -17.11 2.72 11.05
CA GLY A 185 -17.70 3.84 11.82
C GLY A 185 -17.69 3.62 13.32
N GLN A 186 -16.92 2.65 13.80
CA GLN A 186 -16.76 2.46 15.24
C GLN A 186 -15.29 2.38 15.55
N ALA A 187 -14.91 2.66 16.80
CA ALA A 187 -13.52 2.47 17.17
C ALA A 187 -13.19 0.99 17.24
N ASN A 188 -11.91 0.70 17.49
CA ASN A 188 -11.41 -0.67 17.62
C ASN A 188 -10.80 -0.89 18.99
N VAL A 189 -11.29 -0.15 20.00
CA VAL A 189 -10.82 -0.26 21.38
C VAL A 189 -11.13 -1.61 22.00
N GLU A 190 -12.25 -2.22 21.66
CA GLU A 190 -12.58 -3.52 22.24
C GLU A 190 -11.55 -4.54 21.82
N GLY A 191 -10.95 -5.20 22.80
CA GLY A 191 -9.91 -6.18 22.52
C GLY A 191 -8.55 -5.57 22.23
N TRP A 192 -8.38 -4.27 22.40
CA TRP A 192 -7.09 -3.65 22.02
C TRP A 192 -5.94 -4.18 22.85
N GLU A 193 -4.85 -4.52 22.17
CA GLU A 193 -3.61 -4.95 22.77
C GLU A 193 -2.49 -4.07 22.25
N PRO A 194 -1.95 -3.19 23.08
N PRO A 194 -1.77 -3.40 23.16
CA PRO A 194 -0.82 -2.33 22.66
CA PRO A 194 -0.69 -2.59 22.65
C PRO A 194 0.40 -3.14 22.15
C PRO A 194 0.39 -3.47 22.04
N SER A 195 1.09 -2.63 21.12
N SER A 195 1.01 -2.96 20.98
CA SER A 195 2.28 -3.34 20.59
CA SER A 195 2.16 -3.62 20.40
C SER A 195 3.49 -3.24 21.53
C SER A 195 3.22 -3.82 21.46
N SER A 196 4.17 -4.37 21.78
N SER A 196 3.83 -5.01 21.50
CA SER A 196 5.25 -4.35 22.74
CA SER A 196 4.95 -5.24 22.39
C SER A 196 6.47 -3.62 22.16
C SER A 196 6.20 -4.50 21.94
N ASN A 197 6.60 -3.60 20.83
N ASN A 197 6.22 -4.00 20.70
CA ASN A 197 7.80 -3.02 20.17
CA ASN A 197 7.44 -3.38 20.17
C ASN A 197 7.46 -1.70 19.48
C ASN A 197 7.31 -2.01 19.43
N ASN A 198 6.25 -1.23 19.68
CA ASN A 198 5.92 0.02 18.97
C ASN A 198 5.10 0.87 19.90
N ALA A 199 5.67 1.99 20.29
CA ALA A 199 5.02 2.90 21.22
C ALA A 199 3.73 3.52 20.70
N ASN A 200 3.50 3.41 19.38
CA ASN A 200 2.37 4.13 18.76
C ASN A 200 1.24 3.22 18.26
N THR A 201 1.36 1.90 18.34
CA THR A 201 0.43 1.03 17.66
C THR A 201 -0.07 -0.08 18.56
N GLY A 202 -1.11 -0.77 18.05
CA GLY A 202 -1.64 -1.94 18.72
C GLY A 202 -2.49 -2.74 17.76
N ILE A 203 -3.19 -3.74 18.31
CA ILE A 203 -4.04 -4.65 17.56
C ILE A 203 -5.38 -4.71 18.28
N GLY A 204 -6.48 -4.45 17.57
CA GLY A 204 -7.82 -4.51 18.15
C GLY A 204 -8.55 -5.80 17.82
N GLY A 205 -9.78 -5.87 18.36
CA GLY A 205 -10.61 -7.06 18.18
C GLY A 205 -11.22 -7.21 16.80
N HIS A 206 -11.15 -6.18 15.95
CA HIS A 206 -11.71 -6.24 14.60
C HIS A 206 -10.62 -5.86 13.58
N GLY A 207 -10.81 -6.36 12.37
CA GLY A 207 -9.96 -6.00 11.20
C GLY A 207 -10.82 -5.60 10.02
N SER A 208 -10.13 -5.14 8.95
CA SER A 208 -10.83 -4.60 7.78
C SER A 208 -10.22 -5.21 6.53
N CYS A 209 -10.96 -6.13 5.89
CA CYS A 209 -10.45 -6.94 4.79
C CYS A 209 -10.93 -6.39 3.45
N CYS A 210 -10.08 -6.50 2.42
CA CYS A 210 -10.52 -6.38 1.03
C CYS A 210 -9.38 -6.79 0.11
N SER A 211 -9.75 -6.93 -1.16
CA SER A 211 -8.80 -7.30 -2.23
C SER A 211 -7.71 -6.23 -2.35
N GLU A 212 -6.52 -6.67 -2.75
CA GLU A 212 -5.36 -5.79 -2.80
C GLU A 212 -4.52 -6.16 -4.02
N MET A 213 -4.18 -5.16 -4.83
CA MET A 213 -3.27 -5.34 -5.96
C MET A 213 -1.99 -4.61 -5.63
N ASP A 214 -0.94 -5.34 -5.24
CA ASP A 214 0.35 -4.68 -4.95
C ASP A 214 1.13 -4.55 -6.26
N ILE A 215 0.96 -3.39 -6.86
N ILE A 215 0.92 -3.45 -6.96
CA ILE A 215 1.69 -3.07 -8.08
CA ILE A 215 1.71 -3.17 -8.17
C ILE A 215 3.19 -3.09 -7.78
C ILE A 215 3.22 -3.05 -7.83
N TRP A 216 3.54 -2.45 -6.67
CA TRP A 216 4.92 -2.12 -6.39
C TRP A 216 5.16 -2.15 -4.90
N GLU A 217 5.96 -3.10 -4.45
CA GLU A 217 6.50 -3.11 -3.09
C GLU A 217 7.97 -3.21 -3.27
N ALA A 218 8.74 -2.22 -2.84
CA ALA A 218 10.12 -2.15 -3.26
C ALA A 218 10.97 -1.24 -2.41
N ASN A 219 12.27 -1.50 -2.49
CA ASN A 219 13.29 -0.57 -2.04
C ASN A 219 14.42 -0.61 -3.09
N SER A 220 15.59 -0.08 -2.75
CA SER A 220 16.68 -0.07 -3.75
C SER A 220 17.25 -1.46 -4.01
N ILE A 221 16.87 -2.47 -3.22
CA ILE A 221 17.42 -3.82 -3.31
C ILE A 221 16.47 -4.84 -3.95
N SER A 222 15.16 -4.73 -3.66
CA SER A 222 14.20 -5.71 -4.11
C SER A 222 12.92 -5.07 -4.54
N GLU A 223 12.15 -5.75 -5.41
CA GLU A 223 10.83 -5.30 -5.81
C GLU A 223 9.96 -6.51 -6.12
N ALA A 224 8.66 -6.37 -5.86
CA ALA A 224 7.72 -7.46 -6.12
C ALA A 224 6.39 -6.89 -6.56
N LEU A 225 5.70 -7.70 -7.37
CA LEU A 225 4.35 -7.46 -7.95
C LEU A 225 3.43 -8.57 -7.44
N THR A 226 2.35 -8.26 -6.75
CA THR A 226 1.58 -9.29 -6.04
C THR A 226 0.08 -9.02 -5.98
N PRO A 227 -0.75 -9.78 -6.72
CA PRO A 227 -2.20 -9.75 -6.50
C PRO A 227 -2.60 -10.61 -5.26
N HIS A 228 -3.59 -10.11 -4.54
CA HIS A 228 -4.13 -10.80 -3.33
C HIS A 228 -5.65 -10.83 -3.42
N PRO A 229 -6.25 -12.02 -3.74
CA PRO A 229 -7.70 -12.14 -3.77
C PRO A 229 -8.28 -12.33 -2.37
N CYS A 230 -9.57 -12.00 -2.26
CA CYS A 230 -10.35 -12.25 -1.04
C CYS A 230 -11.69 -12.82 -1.48
N THR A 231 -12.31 -13.64 -0.63
CA THR A 231 -13.61 -14.24 -1.00
C THR A 231 -14.76 -13.24 -0.95
N THR A 232 -14.61 -12.16 -0.19
CA THR A 232 -15.45 -10.95 -0.34
C THR A 232 -14.56 -9.91 -0.98
N VAL A 233 -15.00 -9.39 -2.13
CA VAL A 233 -14.11 -8.53 -2.91
C VAL A 233 -13.76 -7.21 -2.21
N GLY A 234 -14.79 -6.53 -1.71
CA GLY A 234 -14.66 -5.21 -1.12
C GLY A 234 -14.54 -5.22 0.38
N GLN A 235 -14.59 -4.01 0.94
CA GLN A 235 -14.31 -3.85 2.38
C GLN A 235 -15.29 -4.64 3.21
N GLU A 236 -14.79 -5.33 4.24
CA GLU A 236 -15.63 -6.12 5.15
C GLU A 236 -14.91 -6.26 6.47
N ILE A 237 -15.63 -6.01 7.57
CA ILE A 237 -15.07 -6.24 8.90
C ILE A 237 -14.82 -7.71 9.14
N CYS A 238 -13.83 -8.02 9.96
CA CYS A 238 -13.58 -9.37 10.44
C CYS A 238 -13.40 -9.37 11.93
N GLU A 239 -13.63 -10.55 12.55
CA GLU A 239 -13.65 -10.73 14.00
C GLU A 239 -12.42 -11.45 14.52
N GLY A 240 -11.58 -10.71 15.26
CA GLY A 240 -10.46 -11.33 15.96
C GLY A 240 -9.57 -12.23 15.11
N ASP A 241 -9.23 -13.42 15.63
CA ASP A 241 -8.30 -14.31 14.93
C ASP A 241 -8.92 -14.87 13.64
N GLY A 242 -10.25 -14.77 13.53
CA GLY A 242 -10.94 -15.11 12.30
C GLY A 242 -10.51 -14.21 11.14
N CYS A 243 -9.84 -13.10 11.46
CA CYS A 243 -9.32 -12.22 10.42
C CYS A 243 -8.23 -12.84 9.58
N GLY A 244 -7.41 -13.71 10.18
CA GLY A 244 -6.16 -14.08 9.55
C GLY A 244 -5.23 -12.88 9.42
N GLY A 245 -4.27 -12.99 8.51
CA GLY A 245 -3.39 -11.86 8.19
C GLY A 245 -2.25 -11.66 9.19
N THR A 246 -1.50 -10.59 8.95
CA THR A 246 -0.34 -10.22 9.76
C THR A 246 -0.64 -10.04 11.24
N TYR A 247 -1.81 -9.55 11.57
CA TYR A 247 -2.12 -9.13 12.92
C TYR A 247 -2.87 -10.19 13.74
N SER A 248 -2.95 -11.40 13.20
CA SER A 248 -3.58 -12.53 13.92
C SER A 248 -2.57 -13.62 14.16
N ASP A 249 -2.86 -14.33 15.24
N ASP A 249 -2.77 -14.48 15.16
CA ASP A 249 -2.13 -15.48 15.71
CA ASP A 249 -1.77 -15.56 15.36
C ASP A 249 -2.10 -16.52 14.60
C ASP A 249 -1.71 -16.58 14.18
N ASN A 250 -3.20 -16.62 13.84
N ASN A 250 -2.86 -16.93 13.58
CA ASN A 250 -3.28 -17.56 12.73
CA ASN A 250 -2.89 -17.75 12.35
C ASN A 250 -3.30 -16.68 11.48
C ASN A 250 -3.21 -16.98 11.08
N ARG A 251 -2.27 -16.77 10.65
N ARG A 251 -2.14 -16.80 10.34
CA ARG A 251 -2.19 -15.92 9.43
CA ARG A 251 -2.18 -16.12 9.09
C ARG A 251 -3.14 -16.36 8.31
C ARG A 251 -3.44 -16.37 8.26
N TYR A 252 -3.39 -17.67 8.20
N TYR A 252 -3.96 -17.57 8.37
CA TYR A 252 -4.09 -18.31 7.05
CA TYR A 252 -4.84 -18.09 7.34
C TYR A 252 -5.53 -18.69 7.26
C TYR A 252 -6.26 -18.51 7.70
N GLY A 253 -6.11 -18.23 8.35
N GLY A 253 -6.79 -18.33 8.89
CA GLY A 253 -7.48 -18.63 8.66
CA GLY A 253 -8.21 -18.70 9.00
C GLY A 253 -8.58 -17.60 8.44
C GLY A 253 -9.22 -17.98 8.09
N GLY A 254 -8.42 -16.73 7.44
N GLY A 254 -8.87 -16.82 7.56
CA GLY A 254 -9.41 -15.71 7.14
CA GLY A 254 -9.95 -15.94 7.18
C GLY A 254 -9.91 -15.70 5.68
C GLY A 254 -10.22 -15.83 5.69
N THR A 255 -10.65 -14.64 5.28
CA THR A 255 -11.27 -14.51 3.96
C THR A 255 -10.33 -13.98 2.86
N CYS A 256 -9.18 -13.45 3.25
CA CYS A 256 -8.26 -12.92 2.28
C CYS A 256 -7.05 -13.79 2.20
N ASP A 257 -6.35 -13.67 1.05
CA ASP A 257 -5.05 -14.30 0.86
C ASP A 257 -3.96 -13.28 1.25
N PRO A 258 -3.32 -13.42 2.42
CA PRO A 258 -2.36 -12.40 2.85
C PRO A 258 -0.98 -12.56 2.23
N ASP A 259 -0.71 -13.66 1.48
N ASP A 259 -0.81 -13.62 1.43
CA ASP A 259 0.62 -13.85 0.87
CA ASP A 259 0.47 -13.93 0.87
C ASP A 259 0.64 -13.46 -0.61
C ASP A 259 0.55 -13.41 -0.55
N GLY A 260 -0.42 -13.79 -1.35
CA GLY A 260 -0.50 -13.40 -2.75
C GLY A 260 0.31 -14.28 -3.67
N CYS A 261 0.10 -14.05 -4.97
CA CYS A 261 0.91 -14.68 -6.02
C CYS A 261 1.98 -13.67 -6.43
N ASP A 262 3.12 -13.65 -5.72
CA ASP A 262 4.13 -12.63 -5.93
C ASP A 262 4.99 -12.99 -7.11
N TRP A 263 5.44 -11.95 -7.82
CA TRP A 263 6.46 -12.06 -8.85
C TRP A 263 7.59 -11.13 -8.43
N ASN A 264 8.72 -11.72 -8.04
CA ASN A 264 9.90 -11.00 -7.57
C ASN A 264 11.02 -11.58 -8.44
N PRO A 265 11.57 -10.78 -9.39
CA PRO A 265 12.54 -11.37 -10.32
C PRO A 265 13.76 -12.02 -9.62
N TYR A 266 14.29 -11.29 -8.63
N TYR A 266 14.16 -11.52 -8.45
CA TYR A 266 15.37 -11.82 -7.81
CA TYR A 266 15.35 -12.05 -7.74
C TYR A 266 15.03 -13.23 -7.27
C TYR A 266 14.98 -13.41 -7.20
N ARG A 267 13.83 -13.41 -6.63
CA ARG A 267 13.35 -14.65 -6.03
C ARG A 267 13.30 -15.76 -7.07
N LEU A 268 12.93 -15.39 -8.30
CA LEU A 268 12.78 -16.37 -9.40
C LEU A 268 14.11 -16.71 -10.07
N GLY A 269 15.20 -16.07 -9.66
CA GLY A 269 16.54 -16.45 -10.12
C GLY A 269 17.35 -15.40 -10.84
N ASN A 270 16.68 -14.32 -11.29
CA ASN A 270 17.41 -13.29 -11.98
C ASN A 270 17.87 -12.26 -10.97
N THR A 271 19.03 -12.53 -10.40
CA THR A 271 19.57 -11.71 -9.33
C THR A 271 20.30 -10.50 -9.87
N SER A 272 20.35 -10.38 -11.20
N SER A 272 20.34 -10.33 -11.18
CA SER A 272 21.05 -9.29 -11.89
CA SER A 272 21.06 -9.20 -11.79
C SER A 272 20.12 -8.22 -12.42
C SER A 272 20.11 -8.22 -12.47
N PHE A 273 18.80 -8.37 -12.28
CA PHE A 273 17.88 -7.49 -12.97
C PHE A 273 17.71 -6.11 -12.30
N TYR A 274 17.72 -6.07 -10.98
CA TYR A 274 17.28 -4.87 -10.26
C TYR A 274 18.15 -4.64 -9.07
N GLY A 275 18.85 -3.49 -9.04
CA GLY A 275 19.71 -3.19 -7.87
C GLY A 275 20.51 -1.95 -8.11
N PRO A 276 21.28 -1.55 -7.10
CA PRO A 276 21.97 -0.26 -7.16
C PRO A 276 23.21 -0.34 -8.05
N GLY A 277 23.23 0.50 -9.06
CA GLY A 277 24.42 0.69 -9.85
C GLY A 277 24.38 -0.02 -11.17
N SER A 278 25.48 0.15 -11.88
CA SER A 278 25.52 -0.25 -13.28
C SER A 278 25.69 -1.76 -13.50
N SER A 279 25.87 -2.56 -12.45
CA SER A 279 25.93 -4.02 -12.62
C SER A 279 24.54 -4.68 -12.74
N PHE A 280 23.47 -3.90 -12.62
CA PHE A 280 22.10 -4.43 -12.72
C PHE A 280 21.43 -3.94 -13.99
N THR A 281 20.45 -4.70 -14.51
CA THR A 281 19.75 -4.27 -15.71
C THR A 281 19.05 -2.94 -15.46
N LEU A 282 18.36 -2.83 -14.33
CA LEU A 282 17.72 -1.58 -13.86
C LEU A 282 18.53 -1.10 -12.69
N ASP A 283 19.06 0.14 -12.81
CA ASP A 283 19.94 0.75 -11.80
C ASP A 283 19.08 1.55 -10.83
N THR A 284 18.93 1.04 -9.61
CA THR A 284 18.01 1.67 -8.66
C THR A 284 18.56 2.94 -8.02
N THR A 285 19.76 3.38 -8.42
CA THR A 285 20.19 4.75 -8.08
C THR A 285 19.52 5.83 -8.91
N LYS A 286 18.83 5.43 -10.00
CA LYS A 286 18.22 6.34 -10.92
C LYS A 286 16.74 6.09 -11.03
N LYS A 287 15.98 7.11 -11.40
CA LYS A 287 14.55 6.95 -11.59
C LYS A 287 14.27 5.87 -12.65
N LEU A 288 13.15 5.18 -12.48
CA LEU A 288 12.69 4.15 -13.46
C LEU A 288 11.19 4.26 -13.66
N THR A 289 10.75 3.82 -14.82
CA THR A 289 9.34 3.76 -15.14
C THR A 289 8.88 2.30 -15.06
N VAL A 290 7.71 2.10 -14.47
CA VAL A 290 7.12 0.81 -14.23
C VAL A 290 5.71 0.78 -14.83
N VAL A 291 5.46 -0.14 -15.77
CA VAL A 291 4.14 -0.22 -16.45
C VAL A 291 3.54 -1.60 -16.17
N THR A 292 2.27 -1.59 -15.78
CA THR A 292 1.59 -2.82 -15.36
C THR A 292 0.26 -2.89 -16.10
N GLN A 293 0.01 -4.01 -16.78
N GLN A 293 0.03 -3.99 -16.84
CA GLN A 293 -1.09 -4.14 -17.72
CA GLN A 293 -1.10 -4.17 -17.76
C GLN A 293 -1.98 -5.28 -17.26
C GLN A 293 -1.99 -5.30 -17.32
N PHE A 294 -3.29 -5.04 -17.21
CA PHE A 294 -4.26 -6.02 -16.72
C PHE A 294 -5.09 -6.56 -17.86
N GLU A 295 -4.61 -7.57 -18.59
CA GLU A 295 -5.36 -8.07 -19.73
C GLU A 295 -6.66 -8.74 -19.29
N THR A 296 -7.63 -8.79 -20.18
CA THR A 296 -8.96 -9.26 -19.75
C THR A 296 -8.98 -10.73 -19.40
N SER A 297 -7.97 -11.52 -19.77
CA SER A 297 -7.93 -12.91 -19.30
C SER A 297 -7.76 -13.01 -17.78
N GLY A 298 -7.31 -11.94 -17.13
CA GLY A 298 -6.99 -11.94 -15.71
C GLY A 298 -5.50 -12.02 -15.41
N ALA A 299 -4.68 -12.24 -16.44
CA ALA A 299 -3.24 -12.24 -16.28
C ALA A 299 -2.71 -10.80 -16.22
N ILE A 300 -1.48 -10.67 -15.71
CA ILE A 300 -0.86 -9.39 -15.52
C ILE A 300 0.48 -9.37 -16.24
N ASN A 301 0.71 -8.33 -17.06
CA ASN A 301 1.96 -8.14 -17.78
C ASN A 301 2.67 -6.87 -17.23
N ARG A 302 3.95 -6.86 -17.44
CA ARG A 302 4.81 -5.81 -16.82
C ARG A 302 5.97 -5.51 -17.74
N TYR A 303 6.26 -4.23 -17.92
CA TYR A 303 7.53 -3.84 -18.50
C TYR A 303 8.04 -2.60 -17.77
N TYR A 304 9.30 -2.32 -18.00
CA TYR A 304 10.03 -1.21 -17.33
C TYR A 304 10.72 -0.38 -18.39
N VAL A 305 10.94 0.89 -18.11
CA VAL A 305 11.73 1.73 -19.00
C VAL A 305 12.75 2.50 -18.14
N GLN A 306 13.99 2.52 -18.58
CA GLN A 306 14.98 3.37 -17.90
C GLN A 306 15.92 3.88 -18.96
N ASN A 307 16.13 5.20 -18.95
CA ASN A 307 16.95 5.88 -19.96
C ASN A 307 16.51 5.49 -21.37
N GLY A 308 15.20 5.43 -21.59
CA GLY A 308 14.65 5.16 -22.90
C GLY A 308 14.76 3.72 -23.40
N VAL A 309 15.28 2.81 -22.57
CA VAL A 309 15.42 1.39 -22.94
C VAL A 309 14.31 0.63 -22.22
N THR A 310 13.61 -0.20 -22.98
CA THR A 310 12.46 -0.96 -22.48
C THR A 310 12.87 -2.39 -22.17
N PHE A 311 12.39 -2.92 -21.05
CA PHE A 311 12.61 -4.31 -20.61
C PHE A 311 11.30 -4.92 -20.19
N GLN A 312 10.84 -6.00 -20.83
CA GLN A 312 9.74 -6.76 -20.27
C GLN A 312 10.18 -7.31 -18.92
N GLN A 313 9.23 -7.62 -18.07
CA GLN A 313 9.49 -8.49 -16.92
C GLN A 313 10.40 -9.65 -17.36
N PRO A 314 11.48 -9.95 -16.63
CA PRO A 314 12.36 -11.03 -17.09
C PRO A 314 11.64 -12.36 -17.11
N ASN A 315 12.07 -13.20 -18.07
CA ASN A 315 11.55 -14.57 -18.08
C ASN A 315 11.96 -15.34 -16.86
N ALA A 316 11.08 -16.24 -16.46
CA ALA A 316 11.35 -17.16 -15.37
C ALA A 316 10.86 -18.54 -15.76
N GLU A 317 11.52 -19.55 -15.21
CA GLU A 317 11.09 -20.95 -15.34
C GLU A 317 10.91 -21.51 -13.94
N LEU A 318 9.74 -22.06 -13.67
CA LEU A 318 9.40 -22.51 -12.34
C LEU A 318 8.50 -23.73 -12.52
N GLY A 319 8.96 -24.91 -12.15
CA GLY A 319 8.15 -26.09 -12.42
C GLY A 319 7.84 -26.20 -13.91
N SER A 320 6.58 -26.43 -14.28
CA SER A 320 6.23 -26.50 -15.72
C SER A 320 5.89 -25.15 -16.34
N TYR A 321 6.02 -24.06 -15.58
CA TYR A 321 5.76 -22.73 -16.10
C TYR A 321 7.03 -22.17 -16.72
N SER A 322 6.86 -21.45 -17.84
CA SER A 322 7.95 -20.68 -18.40
C SER A 322 7.36 -19.42 -19.02
N GLY A 323 7.95 -18.24 -18.77
CA GLY A 323 7.44 -17.02 -19.39
C GLY A 323 7.68 -15.82 -18.51
N ASN A 324 7.00 -14.72 -18.86
CA ASN A 324 7.10 -13.47 -18.08
C ASN A 324 5.76 -12.88 -17.76
N GLU A 325 4.65 -13.57 -18.06
CA GLU A 325 3.32 -13.13 -17.74
C GLU A 325 2.89 -13.77 -16.42
N LEU A 326 2.31 -12.97 -15.52
CA LEU A 326 1.79 -13.47 -14.24
C LEU A 326 0.37 -13.97 -14.55
N ASN A 327 0.26 -15.27 -14.73
CA ASN A 327 -0.99 -15.92 -15.13
C ASN A 327 -1.25 -17.10 -14.18
N ASP A 328 -2.41 -17.73 -14.25
N ASP A 328 -2.34 -17.82 -14.49
CA ASP A 328 -2.64 -18.80 -13.27
CA ASP A 328 -2.81 -18.96 -13.68
C ASP A 328 -1.66 -20.02 -13.46
C ASP A 328 -1.70 -19.95 -13.52
N ASP A 329 -1.07 -20.25 -14.64
CA ASP A 329 -0.02 -21.26 -14.70
C ASP A 329 1.17 -20.87 -13.81
N TYR A 330 1.55 -19.60 -13.84
CA TYR A 330 2.62 -19.15 -12.93
C TYR A 330 2.20 -19.36 -11.48
N CYS A 331 1.00 -18.91 -11.11
CA CYS A 331 0.67 -18.92 -9.70
C CYS A 331 0.54 -20.34 -9.17
N THR A 332 0.03 -21.24 -10.02
CA THR A 332 -0.07 -22.66 -9.62
C THR A 332 1.33 -23.26 -9.47
N ALA A 333 2.23 -22.98 -10.41
CA ALA A 333 3.61 -23.45 -10.34
C ALA A 333 4.31 -22.91 -9.10
N GLU A 334 4.04 -21.64 -8.76
CA GLU A 334 4.68 -21.04 -7.62
C GLU A 334 4.23 -21.77 -6.34
N GLU A 335 2.94 -22.02 -6.19
CA GLU A 335 2.49 -22.82 -5.01
C GLU A 335 3.13 -24.17 -4.99
N ALA A 336 3.28 -24.81 -6.15
CA ALA A 336 3.81 -26.19 -6.15
C ALA A 336 5.29 -26.15 -5.80
N GLU A 337 6.04 -25.14 -6.22
CA GLU A 337 7.49 -25.16 -6.05
C GLU A 337 7.94 -24.48 -4.77
N PHE A 338 7.27 -23.38 -4.41
CA PHE A 338 7.67 -22.62 -3.23
C PHE A 338 6.80 -22.94 -2.01
N GLY A 339 5.63 -23.52 -2.20
CA GLY A 339 4.74 -23.87 -1.11
C GLY A 339 3.56 -22.91 -1.00
N GLY A 340 2.56 -23.33 -0.23
CA GLY A 340 1.43 -22.48 0.09
C GLY A 340 0.18 -22.86 -0.68
N SER A 341 -0.97 -22.51 -0.12
CA SER A 341 -2.24 -22.75 -0.79
C SER A 341 -3.19 -21.55 -0.62
N SER A 342 -2.70 -20.45 -0.05
N SER A 342 -2.78 -20.45 0.01
CA SER A 342 -3.57 -19.36 0.28
CA SER A 342 -3.74 -19.36 0.28
C SER A 342 -4.20 -18.75 -0.98
C SER A 342 -4.25 -18.65 -0.99
N PHE A 343 -3.36 -18.44 -1.97
CA PHE A 343 -3.79 -17.75 -3.22
C PHE A 343 -4.85 -18.62 -3.93
N SER A 344 -4.59 -19.91 -4.11
CA SER A 344 -5.57 -20.74 -4.80
C SER A 344 -6.79 -20.98 -3.91
N ASP A 345 -6.60 -21.11 -2.61
CA ASP A 345 -7.77 -21.30 -1.70
C ASP A 345 -8.76 -20.15 -1.83
N LYS A 346 -8.24 -18.91 -2.05
CA LYS A 346 -9.12 -17.77 -2.15
C LYS A 346 -9.55 -17.45 -3.57
N GLY A 347 -9.29 -18.37 -4.49
CA GLY A 347 -9.86 -18.26 -5.84
C GLY A 347 -8.92 -17.76 -6.92
N GLY A 348 -7.65 -17.51 -6.60
CA GLY A 348 -6.65 -17.17 -7.58
C GLY A 348 -7.00 -15.96 -8.42
N LEU A 349 -6.48 -15.96 -9.65
CA LEU A 349 -6.66 -14.81 -10.53
C LEU A 349 -8.12 -14.66 -10.97
N THR A 350 -8.90 -15.75 -10.99
CA THR A 350 -10.31 -15.63 -11.32
C THR A 350 -11.05 -14.78 -10.29
N GLN A 351 -10.79 -15.05 -9.02
CA GLN A 351 -11.40 -14.24 -7.97
C GLN A 351 -10.83 -12.83 -7.97
N PHE A 352 -9.52 -12.73 -8.24
CA PHE A 352 -8.89 -11.40 -8.27
C PHE A 352 -9.49 -10.50 -9.37
N LYS A 353 -9.90 -11.10 -10.49
CA LYS A 353 -10.50 -10.37 -11.58
C LYS A 353 -11.78 -9.68 -11.16
N LYS A 354 -12.46 -10.18 -10.12
CA LYS A 354 -13.64 -9.51 -9.62
C LYS A 354 -13.27 -8.15 -8.98
N ALA A 355 -12.07 -8.05 -8.42
CA ALA A 355 -11.60 -6.79 -7.85
C ALA A 355 -11.21 -5.83 -8.99
N THR A 356 -10.42 -6.32 -9.95
CA THR A 356 -9.93 -5.39 -11.00
C THR A 356 -11.06 -4.99 -11.97
N SER A 357 -12.15 -5.73 -12.01
N SER A 357 -12.13 -5.75 -12.01
CA SER A 357 -13.31 -5.34 -12.83
CA SER A 357 -13.26 -5.39 -12.85
C SER A 357 -14.06 -4.15 -12.23
C SER A 357 -14.17 -4.35 -12.21
N GLY A 358 -13.97 -4.06 -10.92
CA GLY A 358 -14.64 -2.99 -10.20
C GLY A 358 -13.67 -1.86 -9.92
N GLY A 359 -14.08 -0.90 -9.09
CA GLY A 359 -13.20 0.20 -8.74
C GLY A 359 -12.28 -0.12 -7.60
N MET A 360 -11.04 0.38 -7.69
CA MET A 360 -10.09 0.28 -6.57
C MET A 360 -9.45 1.65 -6.37
N VAL A 361 -9.01 1.90 -5.15
CA VAL A 361 -8.37 3.14 -4.72
C VAL A 361 -6.88 2.98 -4.75
N LEU A 362 -6.19 3.99 -5.26
CA LEU A 362 -4.74 4.06 -5.31
C LEU A 362 -4.15 4.51 -3.98
N VAL A 363 -3.21 3.70 -3.48
CA VAL A 363 -2.52 3.90 -2.23
C VAL A 363 -1.05 4.06 -2.52
N MET A 364 -0.41 5.06 -1.89
CA MET A 364 1.04 5.22 -1.94
C MET A 364 1.52 5.36 -0.52
N SER A 365 2.56 4.61 -0.15
CA SER A 365 2.98 4.57 1.24
C SER A 365 4.48 4.40 1.36
N LEU A 366 5.00 4.68 2.55
CA LEU A 366 6.36 4.32 2.94
C LEU A 366 6.27 3.78 4.35
N TRP A 367 6.80 2.57 4.56
CA TRP A 367 6.69 1.94 5.86
C TRP A 367 7.87 1.06 6.18
N ASP A 368 8.06 0.81 7.48
CA ASP A 368 8.90 -0.27 7.99
C ASP A 368 8.01 -1.27 8.71
N ASP A 369 8.56 -2.47 8.94
CA ASP A 369 7.76 -3.64 9.27
C ASP A 369 8.05 -4.13 10.67
N TYR A 370 7.15 -3.81 11.61
CA TYR A 370 7.28 -4.16 13.02
C TYR A 370 6.88 -5.60 13.30
N TYR A 371 6.53 -6.38 12.27
CA TYR A 371 6.16 -7.79 12.44
C TYR A 371 7.24 -8.73 11.92
N ALA A 372 7.82 -8.43 10.74
CA ALA A 372 8.79 -9.33 10.11
C ALA A 372 9.95 -8.62 9.46
N ASN A 373 10.19 -7.34 9.78
CA ASN A 373 11.39 -6.64 9.38
C ASN A 373 11.58 -6.57 7.86
N MET A 374 10.50 -6.73 7.08
CA MET A 374 10.54 -6.63 5.63
C MET A 374 11.30 -7.79 5.00
N LEU A 375 11.59 -8.86 5.77
CA LEU A 375 12.47 -9.94 5.26
C LEU A 375 11.80 -10.72 4.14
N TRP A 376 10.48 -10.79 4.19
CA TRP A 376 9.67 -11.44 3.17
C TRP A 376 9.82 -10.77 1.79
N LEU A 377 10.25 -9.51 1.75
CA LEU A 377 10.43 -8.77 0.51
C LEU A 377 11.87 -8.86 0.04
N ASP A 378 12.83 -8.67 0.97
CA ASP A 378 14.18 -8.38 0.55
C ASP A 378 15.30 -9.24 1.12
N SER A 379 14.93 -10.33 1.80
CA SER A 379 15.97 -11.15 2.47
C SER A 379 15.67 -12.62 2.27
N THR A 380 16.10 -13.45 3.20
CA THR A 380 15.79 -14.87 3.22
C THR A 380 14.73 -15.06 4.27
N TYR A 381 13.65 -15.74 3.89
CA TYR A 381 12.51 -15.81 4.76
C TYR A 381 11.80 -17.14 4.57
N PRO A 382 11.46 -17.84 5.67
CA PRO A 382 11.87 -17.59 7.06
C PRO A 382 13.39 -17.64 7.18
N THR A 383 13.93 -17.03 8.25
CA THR A 383 15.38 -16.78 8.27
C THR A 383 16.25 -17.98 8.52
N ASN A 384 15.63 -19.05 8.98
CA ASN A 384 16.37 -20.32 9.15
C ASN A 384 16.53 -21.12 7.85
N GLU A 385 15.89 -20.69 6.78
CA GLU A 385 16.03 -21.37 5.51
C GLU A 385 17.34 -20.95 4.88
N THR A 386 17.75 -21.67 3.84
CA THR A 386 18.89 -21.26 3.05
C THR A 386 18.53 -21.22 1.58
N SER A 387 19.50 -20.88 0.75
CA SER A 387 19.28 -20.86 -0.68
C SER A 387 18.88 -22.22 -1.24
N SER A 388 19.13 -23.31 -0.50
CA SER A 388 18.66 -24.62 -0.95
C SER A 388 17.14 -24.83 -0.82
N THR A 389 16.46 -23.97 -0.06
CA THR A 389 15.00 -24.03 0.05
C THR A 389 14.41 -23.21 -1.10
N PRO A 390 13.64 -23.84 -2.01
CA PRO A 390 13.15 -23.07 -3.15
C PRO A 390 12.33 -21.85 -2.72
N GLY A 391 12.72 -20.70 -3.27
CA GLY A 391 12.00 -19.45 -3.03
C GLY A 391 12.34 -18.78 -1.72
N ALA A 392 13.19 -19.37 -0.86
CA ALA A 392 13.43 -18.73 0.43
C ALA A 392 14.11 -17.38 0.26
N VAL A 393 15.06 -17.29 -0.67
CA VAL A 393 15.83 -16.06 -0.86
C VAL A 393 15.06 -15.12 -1.78
N ARG A 394 14.61 -14.03 -1.21
CA ARG A 394 13.87 -12.96 -1.94
C ARG A 394 14.71 -11.80 -2.34
N GLY A 395 15.82 -11.58 -1.65
CA GLY A 395 16.72 -10.51 -1.97
C GLY A 395 18.02 -10.70 -1.19
N SER A 396 18.94 -9.76 -1.39
CA SER A 396 20.30 -9.91 -0.87
C SER A 396 20.47 -9.29 0.54
N CYS A 397 19.43 -8.72 1.12
CA CYS A 397 19.57 -8.13 2.45
C CYS A 397 19.85 -9.22 3.48
N SER A 398 20.65 -8.88 4.48
CA SER A 398 20.89 -9.76 5.61
C SER A 398 19.60 -10.11 6.31
N THR A 399 19.53 -11.33 6.86
CA THR A 399 18.40 -11.71 7.70
C THR A 399 18.36 -10.92 9.03
N SER A 400 19.40 -10.16 9.34
CA SER A 400 19.41 -9.22 10.49
C SER A 400 18.87 -7.85 10.16
N SER A 401 18.55 -7.58 8.90
CA SER A 401 18.15 -6.25 8.48
C SER A 401 16.75 -5.87 8.87
N GLY A 402 16.45 -4.57 8.77
CA GLY A 402 15.10 -4.10 8.87
C GLY A 402 14.50 -3.98 10.25
N VAL A 403 15.31 -4.04 11.31
CA VAL A 403 14.73 -3.80 12.63
C VAL A 403 14.23 -2.34 12.66
N PRO A 404 12.94 -2.11 12.95
CA PRO A 404 12.42 -0.75 12.84
C PRO A 404 13.21 0.30 13.60
N ALA A 405 13.48 0.05 14.87
CA ALA A 405 14.14 1.09 15.64
C ALA A 405 15.52 1.40 15.04
N GLN A 406 16.19 0.37 14.51
CA GLN A 406 17.51 0.57 13.92
C GLN A 406 17.45 1.36 12.63
N VAL A 407 16.60 0.98 11.66
N VAL A 407 16.54 0.96 11.73
CA VAL A 407 16.55 1.76 10.41
CA VAL A 407 16.46 1.64 10.47
C VAL A 407 15.96 3.16 10.61
C VAL A 407 16.00 3.09 10.66
N GLU A 408 15.09 3.33 11.61
CA GLU A 408 14.60 4.67 11.91
C GLU A 408 15.74 5.55 12.45
N SER A 409 16.61 4.92 13.26
N SER A 409 16.65 5.02 13.25
CA SER A 409 17.77 5.59 13.83
CA SER A 409 17.78 5.82 13.73
C SER A 409 18.85 5.89 12.81
C SER A 409 18.81 6.03 12.63
N GLN A 410 19.11 4.98 11.87
CA GLN A 410 20.21 5.05 10.87
C GLN A 410 19.85 5.74 9.59
N SER A 411 18.59 5.63 9.16
CA SER A 411 18.16 6.12 7.87
C SER A 411 16.95 7.02 7.95
N PRO A 412 16.91 7.97 8.88
CA PRO A 412 15.68 8.76 9.01
C PRO A 412 15.35 9.58 7.78
N ASN A 413 16.37 9.94 6.98
CA ASN A 413 16.16 10.76 5.78
C ASN A 413 15.87 9.93 4.55
N ALA A 414 15.63 8.62 4.71
CA ALA A 414 15.12 7.82 3.59
C ALA A 414 13.83 8.44 3.06
N LYS A 415 13.53 8.19 1.80
CA LYS A 415 12.34 8.76 1.19
C LYS A 415 12.06 7.97 -0.08
N VAL A 416 10.83 8.07 -0.53
CA VAL A 416 10.44 7.57 -1.87
C VAL A 416 9.78 8.71 -2.63
N THR A 417 9.95 8.74 -3.96
CA THR A 417 9.25 9.69 -4.80
C THR A 417 8.57 8.92 -5.93
N PHE A 418 7.25 9.07 -5.98
CA PHE A 418 6.43 8.53 -7.06
C PHE A 418 6.00 9.69 -7.95
N SER A 419 6.02 9.50 -9.26
CA SER A 419 5.68 10.64 -10.15
C SER A 419 5.13 10.16 -11.47
N ASN A 420 4.54 11.09 -12.20
CA ASN A 420 4.12 10.87 -13.55
C ASN A 420 3.22 9.63 -13.69
N ILE A 421 2.17 9.58 -12.91
CA ILE A 421 1.17 8.54 -13.02
C ILE A 421 0.41 8.73 -14.31
N LYS A 422 0.24 7.65 -15.06
CA LYS A 422 -0.54 7.64 -16.29
C LYS A 422 -1.38 6.40 -16.29
N PHE A 423 -2.64 6.50 -16.71
CA PHE A 423 -3.56 5.39 -16.65
C PHE A 423 -4.44 5.44 -17.87
N GLY A 424 -4.71 4.29 -18.48
CA GLY A 424 -5.62 4.22 -19.59
C GLY A 424 -5.62 2.85 -20.19
N PRO A 425 -6.25 2.65 -21.35
CA PRO A 425 -6.27 1.34 -21.99
C PRO A 425 -4.87 0.82 -22.18
N ILE A 426 -4.77 -0.52 -22.18
CA ILE A 426 -3.49 -1.16 -22.53
C ILE A 426 -2.97 -0.57 -23.85
N GLY A 427 -1.66 -0.30 -23.87
CA GLY A 427 -0.99 0.27 -25.05
C GLY A 427 -1.05 1.78 -25.17
N SER A 428 -1.73 2.46 -24.23
CA SER A 428 -1.98 3.90 -24.40
C SER A 428 -1.04 4.80 -23.60
N THR A 429 -0.41 4.31 -22.52
CA THR A 429 0.24 5.23 -21.58
C THR A 429 1.61 5.72 -21.99
N GLY A 430 2.19 5.13 -23.02
CA GLY A 430 3.49 5.62 -23.52
C GLY A 430 3.35 6.75 -24.53
N ASN A 431 2.12 7.16 -24.86
CA ASN A 431 1.87 8.26 -25.79
C ASN A 431 2.06 9.59 -25.07
N PRO A 432 2.18 10.69 -25.84
CA PRO A 432 2.56 11.96 -25.21
C PRO A 432 1.57 12.43 -24.13
N SER A 433 2.11 12.87 -23.01
CA SER A 433 1.29 13.49 -21.97
C SER A 433 0.66 14.78 -22.48
N GLY A 434 -0.56 15.05 -22.03
CA GLY A 434 -1.23 16.29 -22.43
C GLY A 434 -0.76 17.47 -21.61
C1 NAG B . 17.86 -10.84 -16.21
C2 NAG B . 18.77 -11.60 -17.20
C3 NAG B . 19.29 -10.71 -18.32
C4 NAG B . 18.12 -10.08 -19.03
C5 NAG B . 17.30 -9.37 -17.97
C6 NAG B . 16.11 -8.67 -18.59
C7 NAG B . 19.96 -13.31 -15.97
C8 NAG B . 21.23 -13.72 -15.26
N2 NAG B . 19.96 -12.11 -16.52
O3 NAG B . 20.06 -11.47 -19.25
O4 NAG B . 18.62 -9.14 -19.99
O5 NAG B . 16.81 -10.24 -16.96
O6 NAG B . 15.27 -9.64 -19.24
O7 NAG B . 18.96 -14.05 -15.97
CO CO C . -1.74 -12.66 -22.15
CO CO D . -17.41 -7.83 16.63
C1 GOL E . 1.45 -0.62 6.76
O1 GOL E . 1.02 -1.76 7.48
C2 GOL E . 1.06 -0.64 5.28
O2 GOL E . -0.34 -0.74 5.14
C3 GOL E . 1.54 0.61 4.57
O3 GOL E . 1.25 0.58 3.17
O4 XX6 F . -0.46 -3.71 3.94
C19 XX6 F . -0.28 -3.40 2.61
C18 XX6 F . 1.07 -3.91 2.17
C20 XX6 F . 1.54 -2.72 1.35
O3 XX6 F . 2.95 -2.63 1.20
N XX6 F . 1.07 -5.09 1.24
C17 XX6 F . 1.10 -6.54 1.69
C16 XX6 F . 2.07 -6.87 2.80
O2 XX6 F . 1.35 -6.63 4.00
C15 XX6 F . 2.45 -8.32 2.72
O1 XX6 F . 3.15 -8.72 3.89
C10 XX6 F . 3.57 -9.99 3.98
C5 XX6 F . 4.07 -10.38 5.22
C6 XX6 F . 4.04 -9.47 6.30
C1 XX6 F . 4.46 -9.83 7.56
C2 XX6 F . 4.91 -11.13 7.74
C3 XX6 F . 4.97 -12.06 6.71
C4 XX6 F . 4.50 -11.69 5.43
C7 XX6 F . 4.55 -12.58 4.35
C11 XX6 F . 5.01 -13.91 4.54
C12 XX6 F . 5.02 -14.76 3.43
C13 XX6 F . 4.58 -14.36 2.18
C14 XX6 F . 4.12 -13.07 2.01
C8 XX6 F . 4.08 -12.18 3.09
C9 XX6 F . 3.61 -10.86 2.90
#